data_8FHE
#
_entry.id   8FHE
#
_cell.length_a   61.721
_cell.length_b   61.721
_cell.length_c   163.918
_cell.angle_alpha   90.00
_cell.angle_beta   90.00
_cell.angle_gamma   90.00
#
_symmetry.space_group_name_H-M   'P 41 21 2'
#
loop_
_entity.id
_entity.type
_entity.pdbx_description
1 polymer 'Peroxisome proliferator-activated receptor gamma'
2 polymer 'Nuclear receptor corepressor 1'
3 non-polymer 2-chloro-5-nitro-N-phenylbenzamide
4 water water
#
loop_
_entity_poly.entity_id
_entity_poly.type
_entity_poly.pdbx_seq_one_letter_code
_entity_poly.pdbx_strand_id
1 'polypeptide(L)'
;QLNPESADLRALAKHLYDSYIKSFPLTKAKARAILTGKTTDKSPFVIYDMNSLMMGEDKIKFKHITPLQEQSKEVAIRIF
QGCQFRSVEAVQEITEYAKSIPGFVNLDLNDQVTLLKYGVHEIIYTMLASLMNKDGVLISEGQGFMTREFLKSLRKPFGD
FMEPKFEFAVKFNALELDDSDLAIFIAVIILSGDRPGLLNVKPIEDIQDNLLQALELQLKLNHPESSQLFAKLLQKMTDL
RQIVTEHVQLLQVIKKTETDMSLHPLLQEIYKDLY
;
B
2 'polypeptide(L)' DPASNLGLEDIIRKALMGSFDDK D
#
# COMPACT_ATOMS: atom_id res chain seq x y z
N GLN A 1 2.18 -14.02 31.87
CA GLN A 1 2.35 -13.54 30.49
C GLN A 1 1.37 -14.19 29.52
N LEU A 2 1.25 -15.53 29.52
CA LEU A 2 0.18 -16.21 28.78
C LEU A 2 -1.03 -16.25 29.69
N ASN A 3 -1.98 -15.35 29.47
CA ASN A 3 -3.16 -15.26 30.33
C ASN A 3 -4.39 -14.93 29.47
N PRO A 4 -5.59 -14.80 30.06
CA PRO A 4 -6.76 -14.49 29.21
C PRO A 4 -6.57 -13.27 28.31
N GLU A 5 -5.94 -12.21 28.82
CA GLU A 5 -5.79 -10.99 28.01
C GLU A 5 -4.88 -11.21 26.82
N SER A 6 -3.75 -11.91 27.03
CA SER A 6 -2.84 -12.13 25.92
C SER A 6 -3.41 -13.12 24.92
N ALA A 7 -4.11 -14.16 25.41
CA ALA A 7 -4.78 -15.08 24.50
C ALA A 7 -5.79 -14.34 23.64
N ASP A 8 -6.48 -13.35 24.22
CA ASP A 8 -7.43 -12.57 23.44
C ASP A 8 -6.73 -11.79 22.33
N LEU A 9 -5.52 -11.27 22.62
CA LEU A 9 -4.76 -10.54 21.61
C LEU A 9 -4.25 -11.48 20.51
N ARG A 10 -3.84 -12.70 20.89
CA ARG A 10 -3.46 -13.66 19.87
C ARG A 10 -4.67 -14.05 19.02
N ALA A 11 -5.84 -14.14 19.64
CA ALA A 11 -7.03 -14.50 18.87
C ALA A 11 -7.39 -13.38 17.90
N LEU A 12 -7.21 -12.13 18.33
CA LEU A 12 -7.45 -11.00 17.44
C LEU A 12 -6.46 -11.00 16.28
N ALA A 13 -5.19 -11.28 16.56
CA ALA A 13 -4.21 -11.35 15.49
C ALA A 13 -4.58 -12.43 14.47
N LYS A 14 -5.03 -13.59 14.95
CA LYS A 14 -5.41 -14.67 14.05
C LYS A 14 -6.64 -14.29 13.23
N HIS A 15 -7.65 -13.73 13.90
CA HIS A 15 -8.85 -13.26 13.21
C HIS A 15 -8.48 -12.30 12.07
N LEU A 16 -7.64 -11.31 12.38
CA LEU A 16 -7.23 -10.34 11.37
C LEU A 16 -6.45 -11.01 10.25
N TYR A 17 -5.51 -11.89 10.60
CA TYR A 17 -4.75 -12.60 9.58
C TYR A 17 -5.66 -13.41 8.67
N ASP A 18 -6.62 -14.14 9.25
CA ASP A 18 -7.53 -14.93 8.42
C ASP A 18 -8.35 -14.04 7.50
N SER A 19 -8.87 -12.92 8.02
CA SER A 19 -9.58 -11.98 7.17
C SER A 19 -8.67 -11.36 6.12
N TYR A 20 -7.42 -11.08 6.50
CA TYR A 20 -6.45 -10.53 5.55
C TYR A 20 -6.25 -11.47 4.37
N ILE A 21 -6.09 -12.76 4.64
CA ILE A 21 -5.87 -13.73 3.58
C ILE A 21 -7.10 -13.83 2.69
N LYS A 22 -8.29 -13.76 3.28
CA LYS A 22 -9.52 -13.81 2.49
C LYS A 22 -9.72 -12.57 1.65
N SER A 23 -9.26 -11.40 2.13
CA SER A 23 -9.53 -10.15 1.44
C SER A 23 -8.50 -9.83 0.36
N PHE A 24 -7.24 -10.23 0.54
CA PHE A 24 -6.14 -9.78 -0.30
C PHE A 24 -5.47 -10.96 -0.99
N PRO A 25 -5.84 -11.28 -2.24
CA PRO A 25 -5.16 -12.40 -2.91
C PRO A 25 -3.69 -12.10 -3.20
N LEU A 26 -3.30 -10.84 -3.34
CA LEU A 26 -1.91 -10.45 -3.56
C LEU A 26 -1.25 -10.24 -2.20
N THR A 27 -0.63 -11.31 -1.69
CA THR A 27 0.05 -11.28 -0.40
C THR A 27 1.51 -10.92 -0.56
N LYS A 28 2.15 -10.56 0.56
CA LYS A 28 3.58 -10.30 0.49
C LYS A 28 4.35 -11.54 0.07
N ALA A 29 4.00 -12.70 0.64
CA ALA A 29 4.76 -13.91 0.35
C ALA A 29 4.75 -14.21 -1.14
N LYS A 30 3.59 -14.04 -1.78
CA LYS A 30 3.51 -14.29 -3.23
C LYS A 30 4.40 -13.34 -4.00
N ALA A 31 4.43 -12.06 -3.60
CA ALA A 31 5.25 -11.07 -4.30
C ALA A 31 6.73 -11.38 -4.16
N ARG A 32 7.17 -11.70 -2.94
CA ARG A 32 8.59 -11.96 -2.72
C ARG A 32 9.04 -13.22 -3.44
N ALA A 33 8.17 -14.22 -3.55
CA ALA A 33 8.52 -15.42 -4.30
C ALA A 33 8.82 -15.08 -5.75
N ILE A 34 8.06 -14.15 -6.33
CA ILE A 34 8.31 -13.76 -7.72
C ILE A 34 9.58 -12.94 -7.83
N LEU A 35 9.81 -12.05 -6.86
CA LEU A 35 10.94 -11.12 -6.92
C LEU A 35 12.27 -11.84 -6.76
N THR A 36 12.29 -12.87 -5.92
CA THR A 36 13.50 -13.66 -5.71
C THR A 36 13.60 -14.82 -6.69
N GLY A 37 12.85 -14.75 -7.79
CA GLY A 37 12.93 -15.76 -8.84
C GLY A 37 12.58 -17.17 -8.38
N LYS A 38 11.69 -17.31 -7.39
CA LYS A 38 11.32 -18.64 -6.94
C LYS A 38 10.21 -19.26 -7.79
N THR A 39 9.34 -18.45 -8.38
CA THR A 39 8.23 -18.96 -9.16
C THR A 39 8.69 -19.16 -10.59
N THR A 40 8.70 -20.41 -11.05
CA THR A 40 8.97 -20.72 -12.44
C THR A 40 7.74 -20.67 -13.31
N ASP A 41 6.58 -20.40 -12.70
CA ASP A 41 5.29 -20.26 -13.45
C ASP A 41 5.31 -18.92 -14.20
N LYS A 42 5.88 -18.92 -15.41
CA LYS A 42 6.01 -17.71 -16.29
C LYS A 42 6.73 -16.52 -15.65
N SER A 43 8.03 -16.66 -15.43
CA SER A 43 8.80 -15.61 -14.77
C SER A 43 8.71 -14.23 -15.43
N PRO A 44 8.78 -13.16 -14.64
CA PRO A 44 8.52 -11.82 -15.21
C PRO A 44 9.63 -11.34 -16.14
N PHE A 45 9.22 -10.63 -17.18
CA PHE A 45 10.13 -10.03 -18.13
C PHE A 45 10.64 -8.70 -17.56
N VAL A 46 11.94 -8.47 -17.65
CA VAL A 46 12.58 -7.28 -17.08
C VAL A 46 12.59 -6.16 -18.12
N ILE A 47 12.01 -5.01 -17.77
CA ILE A 47 12.04 -3.82 -18.60
C ILE A 47 13.02 -2.85 -17.96
N TYR A 48 14.17 -2.64 -18.61
CA TYR A 48 15.22 -1.84 -18.01
C TYR A 48 15.66 -0.66 -18.87
N ASP A 49 15.11 -0.50 -20.06
CA ASP A 49 15.49 0.61 -20.94
C ASP A 49 14.46 0.64 -22.07
N MET A 50 14.61 1.64 -22.95
CA MET A 50 13.62 1.81 -24.01
C MET A 50 13.57 0.61 -24.94
N ASN A 51 14.72 -0.01 -25.20
CA ASN A 51 14.72 -1.16 -26.10
C ASN A 51 13.97 -2.34 -25.50
N SER A 52 14.26 -2.68 -24.24
CA SER A 52 13.56 -3.80 -23.61
C SER A 52 12.10 -3.47 -23.38
N LEU A 53 11.78 -2.19 -23.22
CA LEU A 53 10.39 -1.76 -23.14
C LEU A 53 9.62 -2.20 -24.39
N MET A 54 10.20 -1.97 -25.56
CA MET A 54 9.53 -2.34 -26.80
C MET A 54 9.54 -3.85 -27.00
N MET A 55 10.59 -4.52 -26.56
CA MET A 55 10.59 -5.98 -26.64
C MET A 55 9.53 -6.54 -25.70
N GLY A 56 9.15 -5.73 -24.72
CA GLY A 56 8.23 -6.19 -23.70
C GLY A 56 6.78 -5.97 -24.02
N GLU A 57 6.39 -5.37 -25.15
CA GLU A 57 4.95 -5.15 -25.54
C GLU A 57 4.05 -6.36 -25.17
N ASP A 58 3.60 -6.47 -23.88
CA ASP A 58 2.87 -7.54 -23.12
C ASP A 58 2.04 -6.85 -22.00
N LYS A 59 1.59 -5.63 -22.28
CA LYS A 59 0.75 -4.78 -21.45
C LYS A 59 -0.69 -4.88 -21.89
N LYS A 73 -6.76 16.58 -20.50
CA LYS A 73 -6.21 15.24 -20.57
C LYS A 73 -4.72 15.28 -20.91
N GLU A 74 -3.95 15.86 -19.99
CA GLU A 74 -2.50 15.75 -20.07
C GLU A 74 -2.08 14.34 -19.71
N VAL A 75 -0.83 14.00 -20.04
CA VAL A 75 -0.35 12.63 -19.87
C VAL A 75 -0.37 12.24 -18.40
N ALA A 76 0.18 13.08 -17.54
CA ALA A 76 0.27 12.75 -16.13
C ALA A 76 -1.12 12.59 -15.52
N ILE A 77 -2.05 13.47 -15.89
CA ILE A 77 -3.39 13.40 -15.32
C ILE A 77 -4.10 12.12 -15.75
N ARG A 78 -3.89 11.71 -17.01
CA ARG A 78 -4.53 10.47 -17.43
C ARG A 78 -3.86 9.26 -16.78
N ILE A 79 -2.57 9.35 -16.47
CA ILE A 79 -1.93 8.29 -15.69
C ILE A 79 -2.61 8.16 -14.33
N PHE A 80 -2.82 9.29 -13.66
CA PHE A 80 -3.43 9.26 -12.33
C PHE A 80 -4.87 8.80 -12.39
N GLN A 81 -5.63 9.26 -13.39
CA GLN A 81 -6.97 8.74 -13.59
C GLN A 81 -6.95 7.22 -13.74
N GLY A 82 -5.98 6.71 -14.52
CA GLY A 82 -5.95 5.28 -14.78
C GLY A 82 -5.53 4.45 -13.58
N CYS A 83 -4.52 4.91 -12.83
CA CYS A 83 -4.12 4.14 -11.65
C CYS A 83 -5.17 4.22 -10.56
N GLN A 84 -5.89 5.34 -10.47
N GLN A 84 -5.85 5.37 -10.43
CA GLN A 84 -6.96 5.43 -9.47
CA GLN A 84 -6.98 5.45 -9.51
C GLN A 84 -8.13 4.52 -9.84
C GLN A 84 -8.04 4.43 -9.87
N PHE A 85 -8.43 4.39 -11.15
CA PHE A 85 -9.45 3.45 -11.58
C PHE A 85 -9.01 2.00 -11.35
N ARG A 86 -7.76 1.67 -11.67
CA ARG A 86 -7.29 0.32 -11.46
C ARG A 86 -7.17 -0.03 -9.98
N SER A 87 -7.20 0.97 -9.10
CA SER A 87 -7.13 0.75 -7.66
C SER A 87 -8.50 0.55 -7.02
N VAL A 88 -9.58 0.62 -7.81
CA VAL A 88 -10.89 0.40 -7.23
C VAL A 88 -10.97 -0.95 -6.55
N GLU A 89 -10.42 -2.00 -7.18
CA GLU A 89 -10.52 -3.32 -6.57
C GLU A 89 -9.77 -3.37 -5.25
N ALA A 90 -8.61 -2.74 -5.18
CA ALA A 90 -7.87 -2.68 -3.92
C ALA A 90 -8.69 -1.94 -2.85
N VAL A 91 -9.30 -0.81 -3.21
CA VAL A 91 -10.12 -0.07 -2.25
C VAL A 91 -11.25 -0.95 -1.75
N GLN A 92 -11.87 -1.72 -2.65
CA GLN A 92 -12.95 -2.60 -2.22
C GLN A 92 -12.43 -3.69 -1.29
N GLU A 93 -11.25 -4.23 -1.58
CA GLU A 93 -10.66 -5.26 -0.73
C GLU A 93 -10.33 -4.70 0.64
N ILE A 94 -9.77 -3.50 0.70
CA ILE A 94 -9.44 -2.88 1.98
C ILE A 94 -10.70 -2.62 2.78
N THR A 95 -11.76 -2.13 2.11
CA THR A 95 -13.02 -1.90 2.81
C THR A 95 -13.59 -3.20 3.37
N GLU A 96 -13.56 -4.27 2.57
CA GLU A 96 -13.97 -5.58 3.05
C GLU A 96 -13.17 -6.00 4.27
N TYR A 97 -11.86 -5.79 4.23
CA TYR A 97 -11.02 -6.10 5.38
C TYR A 97 -11.44 -5.29 6.60
N ALA A 98 -11.71 -3.99 6.41
CA ALA A 98 -12.07 -3.15 7.53
C ALA A 98 -13.35 -3.64 8.21
N LYS A 99 -14.29 -4.19 7.44
CA LYS A 99 -15.51 -4.73 8.05
C LYS A 99 -15.20 -5.83 9.06
N SER A 100 -14.10 -6.55 8.87
CA SER A 100 -13.72 -7.63 9.77
C SER A 100 -13.04 -7.15 11.04
N ILE A 101 -12.66 -5.88 11.11
CA ILE A 101 -12.02 -5.36 12.32
C ILE A 101 -13.07 -5.18 13.40
N PRO A 102 -12.98 -5.90 14.52
CA PRO A 102 -14.05 -5.83 15.54
C PRO A 102 -14.31 -4.40 15.97
N GLY A 103 -15.56 -3.99 15.87
CA GLY A 103 -15.97 -2.66 16.27
C GLY A 103 -16.07 -1.65 15.15
N PHE A 104 -15.44 -1.92 13.99
CA PHE A 104 -15.38 -0.91 12.93
C PHE A 104 -16.77 -0.59 12.40
N VAL A 105 -17.56 -1.61 12.06
CA VAL A 105 -18.86 -1.34 11.44
C VAL A 105 -19.86 -0.73 12.43
N ASN A 106 -19.54 -0.74 13.73
CA ASN A 106 -20.37 -0.05 14.71
C ASN A 106 -20.09 1.43 14.82
N LEU A 107 -19.01 1.92 14.23
CA LEU A 107 -18.75 3.36 14.21
C LEU A 107 -19.77 4.05 13.31
N ASP A 108 -19.97 5.35 13.56
CA ASP A 108 -20.73 6.19 12.66
C ASP A 108 -20.27 5.97 11.23
N LEU A 109 -21.24 5.81 10.32
CA LEU A 109 -20.91 5.52 8.93
C LEU A 109 -19.99 6.58 8.32
N ASN A 110 -20.23 7.85 8.65
CA ASN A 110 -19.38 8.90 8.08
C ASN A 110 -17.93 8.74 8.53
N ASP A 111 -17.74 8.31 9.77
CA ASP A 111 -16.37 8.11 10.26
C ASP A 111 -15.73 6.89 9.62
N GLN A 112 -16.50 5.84 9.37
CA GLN A 112 -15.99 4.70 8.59
C GLN A 112 -15.50 5.14 7.22
N VAL A 113 -16.27 6.00 6.56
CA VAL A 113 -15.86 6.48 5.25
C VAL A 113 -14.62 7.34 5.36
N THR A 114 -14.58 8.24 6.35
CA THR A 114 -13.40 9.08 6.52
C THR A 114 -12.16 8.25 6.80
N LEU A 115 -12.28 7.28 7.71
CA LEU A 115 -11.14 6.41 8.01
C LEU A 115 -10.64 5.70 6.76
N LEU A 116 -11.55 5.17 5.94
CA LEU A 116 -11.10 4.46 4.75
C LEU A 116 -10.59 5.43 3.69
N LYS A 117 -11.21 6.61 3.55
CA LYS A 117 -10.80 7.49 2.46
C LYS A 117 -9.37 7.97 2.64
N TYR A 118 -8.88 8.09 3.87
CA TYR A 118 -7.46 8.40 4.04
C TYR A 118 -6.61 7.14 4.11
N GLY A 119 -7.10 6.12 4.79
CA GLY A 119 -6.30 4.92 4.99
C GLY A 119 -5.98 4.15 3.72
N VAL A 120 -6.88 4.16 2.71
CA VAL A 120 -6.65 3.28 1.56
C VAL A 120 -5.35 3.64 0.85
N HIS A 121 -5.05 4.92 0.70
CA HIS A 121 -3.84 5.28 -0.03
C HIS A 121 -2.60 4.76 0.70
N GLU A 122 -2.58 4.89 2.02
CA GLU A 122 -1.43 4.43 2.79
C GLU A 122 -1.30 2.92 2.73
N ILE A 123 -2.43 2.20 2.70
CA ILE A 123 -2.38 0.74 2.60
C ILE A 123 -1.94 0.32 1.21
N ILE A 124 -2.40 1.02 0.17
CA ILE A 124 -1.97 0.68 -1.19
C ILE A 124 -0.45 0.82 -1.30
N TYR A 125 0.13 1.86 -0.69
CA TYR A 125 1.58 2.01 -0.72
C TYR A 125 2.28 0.95 0.11
N THR A 126 1.67 0.51 1.22
CA THR A 126 2.26 -0.59 1.98
C THR A 126 2.34 -1.85 1.16
N MET A 127 1.27 -2.14 0.42
CA MET A 127 1.25 -3.33 -0.43
C MET A 127 2.10 -3.15 -1.67
N LEU A 128 2.24 -1.92 -2.17
CA LEU A 128 3.15 -1.71 -3.28
C LEU A 128 4.59 -2.03 -2.90
N ALA A 129 4.96 -1.76 -1.64
CA ALA A 129 6.30 -2.10 -1.17
C ALA A 129 6.59 -3.58 -1.33
N SER A 130 5.57 -4.43 -1.14
CA SER A 130 5.78 -5.86 -1.32
C SER A 130 6.23 -6.20 -2.73
N LEU A 131 5.77 -5.41 -3.72
CA LEU A 131 6.11 -5.61 -5.12
C LEU A 131 7.44 -4.99 -5.51
N MET A 132 8.16 -4.37 -4.56
CA MET A 132 9.37 -3.60 -4.83
C MET A 132 10.59 -4.24 -4.19
N ASN A 133 11.71 -4.16 -4.90
CA ASN A 133 12.99 -4.32 -4.22
C ASN A 133 13.90 -3.18 -4.66
N LYS A 134 15.17 -3.23 -4.27
CA LYS A 134 16.02 -2.07 -4.61
C LYS A 134 16.26 -1.94 -6.11
N ASP A 135 15.97 -2.98 -6.89
CA ASP A 135 16.20 -2.97 -8.34
C ASP A 135 14.98 -2.48 -9.14
N GLY A 136 13.77 -2.61 -8.62
CA GLY A 136 12.59 -2.30 -9.44
C GLY A 136 11.31 -2.85 -8.83
N VAL A 137 10.26 -2.89 -9.66
CA VAL A 137 8.90 -3.15 -9.16
C VAL A 137 8.16 -4.06 -10.13
N LEU A 138 7.41 -5.01 -9.56
CA LEU A 138 6.57 -5.89 -10.38
C LEU A 138 5.40 -5.13 -10.99
N ILE A 139 5.08 -5.45 -12.24
CA ILE A 139 3.99 -4.83 -12.96
C ILE A 139 3.25 -5.92 -13.74
N SER A 140 2.15 -5.52 -14.37
CA SER A 140 1.39 -6.38 -15.26
C SER A 140 1.03 -7.69 -14.55
N GLU A 141 0.50 -7.57 -13.34
CA GLU A 141 0.12 -8.73 -12.54
C GLU A 141 1.24 -9.78 -12.49
N GLY A 142 2.45 -9.30 -12.23
CA GLY A 142 3.59 -10.19 -12.07
C GLY A 142 4.26 -10.65 -13.34
N GLN A 143 3.79 -10.20 -14.50
CA GLN A 143 4.39 -10.59 -15.78
C GLN A 143 5.60 -9.76 -16.16
N GLY A 144 5.75 -8.57 -15.57
CA GLY A 144 6.86 -7.70 -15.90
C GLY A 144 7.53 -7.19 -14.64
N PHE A 145 8.74 -6.67 -14.84
CA PHE A 145 9.52 -6.07 -13.76
C PHE A 145 10.16 -4.81 -14.33
N MET A 146 9.71 -3.65 -13.84
CA MET A 146 10.18 -2.34 -14.29
C MET A 146 11.29 -1.88 -13.36
N THR A 147 12.46 -1.56 -13.92
CA THR A 147 13.57 -1.24 -13.04
C THR A 147 13.42 0.16 -12.45
N ARG A 148 13.96 0.30 -11.23
CA ARG A 148 13.93 1.57 -10.54
C ARG A 148 14.71 2.64 -11.29
N GLU A 149 15.88 2.29 -11.81
CA GLU A 149 16.70 3.31 -12.45
C GLU A 149 16.12 3.72 -13.80
N PHE A 150 15.46 2.79 -14.51
CA PHE A 150 14.78 3.18 -15.75
C PHE A 150 13.67 4.20 -15.45
N LEU A 151 12.86 3.92 -14.43
CA LEU A 151 11.83 4.89 -14.03
C LEU A 151 12.45 6.24 -13.67
N LYS A 152 13.55 6.22 -12.92
CA LYS A 152 14.17 7.46 -12.48
C LYS A 152 14.77 8.24 -13.64
N SER A 153 15.15 7.55 -14.72
CA SER A 153 15.76 8.18 -15.89
C SER A 153 14.77 8.92 -16.77
N LEU A 154 13.47 8.73 -16.56
CA LEU A 154 12.50 9.30 -17.48
C LEU A 154 12.44 10.82 -17.32
N ARG A 155 11.99 11.48 -18.40
CA ARG A 155 11.99 12.93 -18.43
C ARG A 155 11.10 13.49 -17.33
N LYS A 156 11.47 14.66 -16.84
CA LYS A 156 10.66 15.33 -15.83
C LYS A 156 9.26 15.60 -16.41
N PRO A 157 8.22 15.52 -15.57
CA PRO A 157 8.26 15.22 -14.13
C PRO A 157 8.16 13.73 -13.80
N PHE A 158 8.09 12.88 -14.84
CA PHE A 158 7.82 11.46 -14.63
C PHE A 158 8.93 10.76 -13.86
N GLY A 159 10.18 11.18 -14.08
CA GLY A 159 11.32 10.54 -13.43
C GLY A 159 11.30 10.60 -11.91
N ASP A 160 10.58 11.57 -11.34
CA ASP A 160 10.51 11.71 -9.88
C ASP A 160 9.27 11.07 -9.26
N PHE A 161 8.39 10.48 -10.08
CA PHE A 161 7.15 9.90 -9.58
C PHE A 161 7.41 8.83 -8.53
N MET A 162 8.21 7.83 -8.88
CA MET A 162 8.28 6.61 -8.09
C MET A 162 9.45 6.56 -7.11
N GLU A 163 10.51 7.32 -7.34
CA GLU A 163 11.71 7.16 -6.52
C GLU A 163 11.45 7.29 -5.01
N PRO A 164 10.64 8.23 -4.52
CA PRO A 164 10.41 8.28 -3.07
C PRO A 164 9.69 7.04 -2.55
N LYS A 165 8.88 6.39 -3.39
CA LYS A 165 8.27 5.14 -2.98
C LYS A 165 9.29 4.02 -2.92
N PHE A 166 10.27 3.99 -3.82
CA PHE A 166 11.35 3.00 -3.69
C PHE A 166 12.16 3.23 -2.41
N GLU A 167 12.50 4.49 -2.13
CA GLU A 167 13.23 4.79 -0.91
C GLU A 167 12.50 4.28 0.32
N PHE A 168 11.19 4.53 0.40
CA PHE A 168 10.37 3.99 1.47
C PHE A 168 10.38 2.46 1.47
N ALA A 169 10.16 1.85 0.31
CA ALA A 169 9.96 0.42 0.25
C ALA A 169 11.21 -0.35 0.68
N VAL A 170 12.39 0.11 0.27
CA VAL A 170 13.60 -0.59 0.66
C VAL A 170 13.76 -0.61 2.18
N LYS A 171 13.53 0.54 2.81
CA LYS A 171 13.61 0.61 4.27
C LYS A 171 12.51 -0.20 4.93
N PHE A 172 11.28 -0.10 4.41
CA PHE A 172 10.17 -0.85 4.97
C PHE A 172 10.41 -2.35 4.85
N ASN A 173 10.86 -2.80 3.67
CA ASN A 173 11.08 -4.23 3.46
C ASN A 173 12.20 -4.77 4.34
N ALA A 174 13.15 -3.92 4.71
CA ALA A 174 14.23 -4.37 5.58
C ALA A 174 13.74 -4.71 6.97
N LEU A 175 12.53 -4.27 7.35
CA LEU A 175 11.94 -4.72 8.60
C LEU A 175 11.54 -6.19 8.55
N GLU A 176 11.44 -6.76 7.35
CA GLU A 176 11.13 -8.18 7.16
C GLU A 176 9.78 -8.56 7.79
N LEU A 177 8.78 -7.69 7.65
CA LEU A 177 7.46 -8.07 8.12
C LEU A 177 6.88 -9.17 7.24
N ASP A 178 6.08 -10.04 7.85
CA ASP A 178 5.34 -11.02 7.05
C ASP A 178 3.87 -10.64 7.02
N ASP A 179 3.06 -11.46 6.34
CA ASP A 179 1.65 -11.16 6.18
C ASP A 179 0.91 -11.15 7.52
N SER A 180 1.29 -12.02 8.45
CA SER A 180 0.74 -11.97 9.81
C SER A 180 0.95 -10.59 10.43
N ASP A 181 2.17 -10.06 10.34
CA ASP A 181 2.44 -8.72 10.85
C ASP A 181 1.64 -7.67 10.10
N LEU A 182 1.67 -7.71 8.76
CA LEU A 182 1.01 -6.69 7.96
C LEU A 182 -0.49 -6.62 8.22
N ALA A 183 -1.12 -7.77 8.48
CA ALA A 183 -2.55 -7.75 8.80
C ALA A 183 -2.87 -6.79 9.93
N ILE A 184 -2.08 -6.84 11.02
CA ILE A 184 -2.37 -5.97 12.16
C ILE A 184 -1.95 -4.54 11.85
N PHE A 185 -0.79 -4.37 11.21
CA PHE A 185 -0.28 -3.05 10.86
C PHE A 185 -1.30 -2.28 10.03
N ILE A 186 -1.91 -2.95 9.05
CA ILE A 186 -2.90 -2.33 8.20
C ILE A 186 -4.14 -1.95 9.01
N ALA A 187 -4.54 -2.80 9.96
CA ALA A 187 -5.70 -2.45 10.79
C ALA A 187 -5.40 -1.22 11.64
N VAL A 188 -4.17 -1.12 12.14
CA VAL A 188 -3.77 0.04 12.92
C VAL A 188 -3.87 1.30 12.06
N ILE A 189 -3.45 1.21 10.78
CA ILE A 189 -3.53 2.36 9.88
C ILE A 189 -4.96 2.84 9.75
N ILE A 190 -5.87 1.90 9.53
CA ILE A 190 -7.27 2.24 9.28
C ILE A 190 -7.88 2.93 10.48
N LEU A 191 -7.56 2.46 11.68
CA LEU A 191 -8.15 3.02 12.89
C LEU A 191 -7.37 4.22 13.43
N SER A 192 -6.96 5.11 12.54
CA SER A 192 -6.18 6.30 12.91
C SER A 192 -7.15 7.39 13.35
N GLY A 193 -7.08 7.75 14.62
CA GLY A 193 -8.00 8.73 15.16
C GLY A 193 -7.68 10.17 14.84
N ASP A 194 -6.60 10.44 14.10
CA ASP A 194 -6.22 11.82 13.80
C ASP A 194 -6.61 12.25 12.38
N ARG A 195 -7.49 11.51 11.72
CA ARG A 195 -7.91 11.89 10.38
C ARG A 195 -8.76 13.16 10.44
N PRO A 196 -8.58 14.08 9.50
CA PRO A 196 -9.43 15.28 9.48
C PRO A 196 -10.89 14.91 9.27
N GLY A 197 -11.75 15.59 10.01
CA GLY A 197 -13.18 15.43 9.82
C GLY A 197 -13.82 14.31 10.61
N LEU A 198 -13.09 13.66 11.52
CA LEU A 198 -13.68 12.59 12.31
C LEU A 198 -14.60 13.16 13.39
N LEU A 199 -15.77 12.55 13.53
CA LEU A 199 -16.80 13.02 14.47
C LEU A 199 -16.55 12.51 15.88
N ASN A 200 -16.40 11.20 16.04
CA ASN A 200 -16.29 10.53 17.33
C ASN A 200 -14.93 9.85 17.37
N VAL A 201 -13.94 10.54 17.95
CA VAL A 201 -12.57 10.04 17.92
C VAL A 201 -12.35 8.95 18.98
N LYS A 202 -13.02 9.05 20.12
CA LYS A 202 -12.75 8.12 21.22
C LYS A 202 -13.03 6.66 20.86
N PRO A 203 -14.18 6.29 20.27
CA PRO A 203 -14.36 4.86 19.95
C PRO A 203 -13.38 4.36 18.91
N ILE A 204 -12.85 5.25 18.06
CA ILE A 204 -11.81 4.87 17.12
C ILE A 204 -10.52 4.56 17.88
N GLU A 205 -10.12 5.47 18.77
CA GLU A 205 -8.89 5.23 19.51
C GLU A 205 -8.99 4.03 20.44
N ASP A 206 -10.19 3.74 20.96
CA ASP A 206 -10.38 2.53 21.75
C ASP A 206 -10.07 1.28 20.93
N ILE A 207 -10.56 1.23 19.69
CA ILE A 207 -10.22 0.10 18.82
C ILE A 207 -8.73 0.12 18.50
N GLN A 208 -8.20 1.27 18.08
CA GLN A 208 -6.79 1.29 17.70
C GLN A 208 -5.89 0.89 18.87
N ASP A 209 -6.26 1.29 20.09
CA ASP A 209 -5.44 0.90 21.24
C ASP A 209 -5.39 -0.61 21.39
N ASN A 210 -6.53 -1.28 21.18
CA ASN A 210 -6.53 -2.73 21.26
C ASN A 210 -5.73 -3.35 20.12
N LEU A 211 -5.82 -2.77 18.91
CA LEU A 211 -5.01 -3.25 17.80
C LEU A 211 -3.52 -3.02 18.07
N LEU A 212 -3.19 -1.88 18.69
CA LEU A 212 -1.78 -1.61 19.01
C LEU A 212 -1.25 -2.62 20.03
N GLN A 213 -2.06 -2.97 21.03
CA GLN A 213 -1.65 -4.02 21.96
C GLN A 213 -1.42 -5.32 21.23
N ALA A 214 -2.31 -5.68 20.30
CA ALA A 214 -2.13 -6.91 19.54
C ALA A 214 -0.90 -6.84 18.66
N LEU A 215 -0.58 -5.66 18.11
CA LEU A 215 0.60 -5.52 17.28
C LEU A 215 1.88 -5.64 18.11
N GLU A 216 1.93 -4.96 19.26
CA GLU A 216 3.07 -5.08 20.17
C GLU A 216 3.41 -6.54 20.46
N LEU A 217 2.39 -7.31 20.84
CA LEU A 217 2.58 -8.72 21.19
C LEU A 217 3.02 -9.52 19.98
N GLN A 218 2.39 -9.27 18.82
CA GLN A 218 2.76 -9.97 17.60
C GLN A 218 4.22 -9.74 17.25
N LEU A 219 4.71 -8.50 17.38
CA LEU A 219 6.08 -8.24 17.01
C LEU A 219 7.07 -8.86 18.00
N LYS A 220 6.71 -8.88 19.29
CA LYS A 220 7.55 -9.57 20.27
C LYS A 220 7.66 -11.05 19.94
N LEU A 221 6.54 -11.69 19.62
CA LEU A 221 6.58 -13.13 19.38
C LEU A 221 7.27 -13.47 18.06
N ASN A 222 7.16 -12.61 17.05
CA ASN A 222 7.57 -12.92 15.69
C ASN A 222 8.92 -12.33 15.31
N HIS A 223 9.45 -11.40 16.09
CA HIS A 223 10.66 -10.66 15.70
C HIS A 223 11.59 -10.51 16.90
N PRO A 224 12.19 -11.61 17.34
CA PRO A 224 13.17 -11.52 18.45
C PRO A 224 14.37 -10.67 18.11
N GLU A 225 14.69 -10.52 16.82
CA GLU A 225 15.89 -9.82 16.40
C GLU A 225 15.78 -8.30 16.47
N SER A 226 14.57 -7.77 16.54
CA SER A 226 14.35 -6.34 16.32
C SER A 226 13.84 -5.68 17.58
N SER A 227 14.77 -5.13 18.37
CA SER A 227 14.36 -4.20 19.41
C SER A 227 13.88 -2.89 18.77
N GLN A 228 12.81 -2.35 19.36
CA GLN A 228 12.14 -1.13 18.90
C GLN A 228 11.46 -1.28 17.55
N LEU A 229 11.19 -2.52 17.12
CA LEU A 229 10.45 -2.73 15.87
C LEU A 229 9.08 -2.09 15.92
N PHE A 230 8.38 -2.20 17.06
CA PHE A 230 7.08 -1.55 17.23
C PHE A 230 7.18 -0.05 16.95
N ALA A 231 8.14 0.62 17.59
CA ALA A 231 8.34 2.05 17.31
C ALA A 231 8.74 2.28 15.85
N LYS A 232 9.62 1.44 15.29
CA LYS A 232 10.08 1.65 13.93
C LYS A 232 8.93 1.51 12.96
N LEU A 233 8.03 0.57 13.23
CA LEU A 233 6.87 0.39 12.37
C LEU A 233 5.90 1.56 12.50
N LEU A 234 5.70 2.10 13.71
CA LEU A 234 4.87 3.29 13.85
C LEU A 234 5.48 4.49 13.14
N GLN A 235 6.81 4.59 13.11
CA GLN A 235 7.44 5.66 12.33
C GLN A 235 7.16 5.50 10.85
N LYS A 236 6.96 4.27 10.37
CA LYS A 236 6.63 4.06 8.96
C LYS A 236 5.27 4.64 8.61
N MET A 237 4.35 4.66 9.56
CA MET A 237 3.07 5.30 9.29
C MET A 237 3.27 6.78 9.01
N THR A 238 4.33 7.34 9.60
CA THR A 238 4.71 8.76 9.37
C THR A 238 5.21 8.93 7.93
N ASP A 239 6.00 7.96 7.44
CA ASP A 239 6.52 8.01 6.08
C ASP A 239 5.44 7.76 5.04
N LEU A 240 4.45 6.93 5.37
CA LEU A 240 3.37 6.67 4.41
C LEU A 240 2.55 7.93 4.16
N ARG A 241 2.23 8.67 5.22
CA ARG A 241 1.44 9.90 5.06
C ARG A 241 2.18 10.91 4.21
N GLN A 242 3.49 11.03 4.41
CA GLN A 242 4.23 12.01 3.64
C GLN A 242 4.27 11.64 2.18
N ILE A 243 4.36 10.35 1.85
CA ILE A 243 4.29 9.92 0.46
C ILE A 243 2.95 10.31 -0.15
N VAL A 244 1.87 10.15 0.60
CA VAL A 244 0.55 10.52 0.07
C VAL A 244 0.47 12.03 -0.12
N THR A 245 0.93 12.81 0.87
CA THR A 245 0.81 14.26 0.74
C THR A 245 1.72 14.80 -0.34
N GLU A 246 2.84 14.10 -0.62
CA GLU A 246 3.72 14.51 -1.72
C GLU A 246 3.01 14.47 -3.07
N HIS A 247 1.88 13.78 -3.19
CA HIS A 247 1.15 13.78 -4.45
C HIS A 247 0.55 15.15 -4.74
N VAL A 248 0.20 15.92 -3.71
CA VAL A 248 -0.30 17.28 -3.92
C VAL A 248 0.79 18.13 -4.55
N GLN A 249 2.03 18.01 -4.05
CA GLN A 249 3.15 18.74 -4.63
C GLN A 249 3.41 18.30 -6.06
N LEU A 250 3.33 17.00 -6.33
CA LEU A 250 3.53 16.49 -7.68
C LEU A 250 2.55 17.14 -8.65
N LEU A 251 1.28 17.28 -8.25
CA LEU A 251 0.29 17.87 -9.13
C LEU A 251 0.61 19.32 -9.46
N GLN A 252 1.14 20.06 -8.48
CA GLN A 252 1.55 21.44 -8.74
C GLN A 252 2.76 21.48 -9.67
N VAL A 253 3.72 20.57 -9.46
CA VAL A 253 4.88 20.49 -10.34
C VAL A 253 4.44 20.22 -11.78
N ILE A 254 3.46 19.38 -11.92
CA ILE A 254 2.96 19.05 -13.20
C ILE A 254 2.35 20.26 -13.86
N LYS A 255 1.48 20.96 -13.17
CA LYS A 255 0.87 22.11 -13.78
C LYS A 255 1.88 23.20 -14.17
N LYS A 256 2.96 23.35 -13.45
CA LYS A 256 3.93 24.34 -13.80
C LYS A 256 5.02 23.85 -14.76
N THR A 257 4.93 22.64 -15.25
CA THR A 257 5.91 22.12 -16.16
C THR A 257 5.69 22.66 -17.53
N GLU A 258 6.72 23.29 -18.07
CA GLU A 258 6.63 23.92 -19.38
C GLU A 258 7.27 23.13 -20.52
N THR A 259 8.09 22.19 -20.13
CA THR A 259 8.83 21.34 -20.96
C THR A 259 7.96 20.20 -21.50
N ASP A 260 8.37 19.54 -22.56
CA ASP A 260 7.57 18.48 -23.13
C ASP A 260 7.23 17.39 -22.15
N MET A 261 5.97 17.01 -22.05
CA MET A 261 5.59 15.94 -21.15
C MET A 261 5.01 14.75 -21.89
N SER A 262 5.44 14.55 -23.14
CA SER A 262 5.06 13.34 -23.85
C SER A 262 5.72 12.14 -23.19
N LEU A 263 5.06 11.00 -23.30
CA LEU A 263 5.55 9.76 -22.71
C LEU A 263 5.14 8.60 -23.60
N HIS A 264 6.05 7.65 -23.79
CA HIS A 264 5.75 6.46 -24.57
C HIS A 264 4.47 5.82 -24.07
N PRO A 265 3.56 5.43 -24.96
CA PRO A 265 2.30 4.80 -24.51
C PRO A 265 2.50 3.59 -23.62
N LEU A 266 3.54 2.78 -23.85
CA LEU A 266 3.79 1.65 -22.98
C LEU A 266 4.21 2.10 -21.59
N LEU A 267 4.96 3.19 -21.49
CA LEU A 267 5.30 3.74 -20.18
C LEU A 267 4.06 4.30 -19.46
N GLN A 268 3.15 4.94 -20.21
CA GLN A 268 1.92 5.38 -19.58
C GLN A 268 1.16 4.19 -19.01
N GLU A 269 1.11 3.08 -19.76
CA GLU A 269 0.38 1.92 -19.29
C GLU A 269 1.04 1.31 -18.06
N ILE A 270 2.37 1.32 -18.02
CA ILE A 270 3.09 0.81 -16.86
C ILE A 270 2.81 1.68 -15.64
N TYR A 271 2.85 3.01 -15.82
CA TYR A 271 2.57 3.91 -14.69
C TYR A 271 1.15 3.72 -14.16
N LYS A 272 0.18 3.38 -15.03
CA LYS A 272 -1.17 3.16 -14.54
C LYS A 272 -1.26 1.94 -13.64
N ASP A 273 -0.25 1.05 -13.70
CA ASP A 273 -0.13 -0.10 -12.81
C ASP A 273 0.58 0.23 -11.50
N LEU A 274 1.01 1.46 -11.31
CA LEU A 274 1.73 1.87 -10.11
C LEU A 274 0.83 2.77 -9.27
N TYR A 275 1.43 3.62 -8.43
CA TYR A 275 0.66 4.46 -7.51
C TYR A 275 1.53 5.55 -6.94
N GLY B 7 -15.43 10.73 -5.82
CA GLY B 7 -15.42 9.47 -6.55
C GLY B 7 -14.94 8.37 -5.61
N LEU B 8 -13.89 8.64 -4.85
CA LEU B 8 -13.38 7.67 -3.93
C LEU B 8 -14.34 7.38 -2.79
N GLU B 9 -14.90 8.42 -2.19
CA GLU B 9 -15.87 8.26 -1.12
C GLU B 9 -17.07 7.42 -1.55
N ASP B 10 -17.53 7.64 -2.75
CA ASP B 10 -18.64 6.87 -3.30
C ASP B 10 -18.29 5.40 -3.40
N ILE B 11 -17.11 5.09 -3.87
CA ILE B 11 -16.67 3.74 -3.97
C ILE B 11 -16.65 3.07 -2.61
N ILE B 12 -16.14 3.78 -1.63
CA ILE B 12 -16.06 3.25 -0.28
C ILE B 12 -17.45 3.04 0.30
N ARG B 13 -18.34 4.02 0.11
CA ARG B 13 -19.69 3.89 0.65
C ARG B 13 -20.41 2.69 0.05
N LYS B 14 -20.29 2.51 -1.27
CA LYS B 14 -20.89 1.33 -1.91
C LYS B 14 -20.27 0.04 -1.40
N ALA B 15 -18.95 0.03 -1.21
CA ALA B 15 -18.32 -1.18 -0.70
C ALA B 15 -18.76 -1.47 0.74
N LEU B 16 -19.14 -0.45 1.51
CA LEU B 16 -19.56 -0.68 2.89
C LEU B 16 -20.98 -1.20 2.97
N MET B 17 -21.74 -1.13 1.89
CA MET B 17 -23.07 -1.74 1.87
C MET B 17 -22.92 -3.26 1.85
#